data_7VZE
#
_entry.id   7VZE
#
_cell.length_a   51.973
_cell.length_b   51.916
_cell.length_c   190.968
_cell.angle_alpha   90.00
_cell.angle_beta   90.00
_cell.angle_gamma   90.00
#
_symmetry.space_group_name_H-M   'P 21 21 21'
#
loop_
_entity.id
_entity.type
_entity.pdbx_description
1 polymer 'Tyrosine-protein phosphatase non-receptor type 4'
2 polymer 'the PDZ-binding motif of HPV16 E6'
3 water water
#
loop_
_entity_poly.entity_id
_entity_poly.type
_entity_poly.pdbx_seq_one_letter_code
_entity_poly.pdbx_strand_id
1 'polypeptide(L)'
;GHMDNLVLIRMKPDENGRFGFNVKGGYDQKMPVIVSRVAPGTPADLCVPRLNEGDQVVLINGRDIAEHTHDQVVLFIKAS
CERHSGELMLLVRP
;
A,B,C,D
2 'polypeptide(L)' TRRETQL E,F,G,H
#
# COMPACT_ATOMS: atom_id res chain seq x y z
N LEU A 6 11.30 16.71 14.02
CA LEU A 6 10.11 15.89 14.27
C LEU A 6 9.03 16.05 13.20
N VAL A 7 8.44 14.90 12.83
CA VAL A 7 7.49 14.83 11.74
C VAL A 7 6.30 14.02 12.20
N LEU A 8 5.10 14.56 11.98
CA LEU A 8 3.87 13.93 12.42
C LEU A 8 3.35 13.02 11.33
N ILE A 9 2.79 11.87 11.72
CA ILE A 9 2.27 10.90 10.76
C ILE A 9 0.96 10.30 11.25
N ARG A 10 -0.11 10.45 10.45
CA ARG A 10 -1.42 9.87 10.68
C ARG A 10 -1.70 8.80 9.64
N MET A 11 -2.58 7.88 10.02
CA MET A 11 -2.96 6.75 9.17
C MET A 11 -4.16 6.06 9.81
N LYS A 12 -4.64 5.04 9.12
CA LYS A 12 -5.86 4.32 9.46
C LYS A 12 -5.65 2.84 9.19
N PRO A 13 -6.27 1.97 9.99
CA PRO A 13 -5.97 0.55 9.84
C PRO A 13 -6.71 -0.05 8.66
N ASP A 14 -6.17 -1.14 8.15
CA ASP A 14 -6.85 -1.90 7.12
C ASP A 14 -8.13 -2.54 7.68
N GLU A 15 -8.84 -3.25 6.81
CA GLU A 15 -10.15 -3.76 7.17
C GLU A 15 -10.06 -4.72 8.35
N ASN A 16 -8.96 -5.44 8.47
CA ASN A 16 -8.65 -6.24 9.65
C ASN A 16 -8.07 -5.40 10.80
N GLY A 17 -8.23 -4.08 10.76
CA GLY A 17 -7.86 -3.24 11.88
C GLY A 17 -6.36 -3.20 12.13
N ARG A 18 -5.60 -3.77 11.21
CA ARG A 18 -4.15 -3.79 11.37
C ARG A 18 -3.50 -2.65 10.60
N PHE A 19 -2.23 -2.40 10.93
CA PHE A 19 -1.47 -1.31 10.30
C PHE A 19 -0.26 -1.74 9.49
N GLY A 20 0.51 -2.70 9.96
CA GLY A 20 1.60 -3.22 9.15
C GLY A 20 2.97 -2.69 9.48
N PHE A 21 3.21 -2.53 10.77
CA PHE A 21 4.54 -2.18 11.24
C PHE A 21 4.76 -2.84 12.59
N ASN A 22 6.03 -3.00 12.95
CA ASN A 22 6.46 -3.70 14.15
C ASN A 22 7.29 -2.77 15.02
N VAL A 23 7.16 -2.91 16.34
CA VAL A 23 7.83 -2.03 17.29
C VAL A 23 8.70 -2.86 18.23
N LYS A 24 9.53 -2.16 18.99
CA LYS A 24 10.38 -2.79 19.98
C LYS A 24 10.80 -1.72 20.98
N GLY A 25 11.26 -2.16 22.14
CA GLY A 25 11.67 -1.23 23.18
C GLY A 25 10.57 -0.98 24.19
N GLY A 26 10.82 -0.01 25.05
CA GLY A 26 9.88 0.38 26.07
C GLY A 26 10.61 0.74 27.33
N TYR A 27 9.84 0.99 28.38
CA TYR A 27 10.47 1.24 29.67
C TYR A 27 11.07 -0.05 30.23
N ASP A 28 10.46 -1.17 29.91
CA ASP A 28 10.91 -2.47 30.40
C ASP A 28 12.14 -2.96 29.64
N GLN A 29 12.17 -2.78 28.33
CA GLN A 29 13.35 -3.14 27.56
C GLN A 29 14.43 -2.08 27.60
N LYS A 30 14.16 -0.97 28.30
CA LYS A 30 15.11 0.14 28.44
C LYS A 30 15.57 0.64 27.07
N MET A 31 14.74 0.41 26.05
CA MET A 31 15.03 0.86 24.71
C MET A 31 13.98 1.89 24.32
N PRO A 32 14.37 2.98 23.68
CA PRO A 32 13.37 3.89 23.11
C PRO A 32 12.42 3.09 22.24
N VAL A 33 11.29 3.69 21.90
CA VAL A 33 10.38 2.87 21.12
C VAL A 33 10.59 3.23 19.66
N ILE A 34 11.09 2.27 18.88
CA ILE A 34 11.46 2.43 17.49
C ILE A 34 10.64 1.50 16.60
N VAL A 35 10.39 1.95 15.35
CA VAL A 35 9.84 1.12 14.29
C VAL A 35 10.83 0.03 13.90
N SER A 36 10.38 -1.22 13.95
CA SER A 36 11.24 -2.38 13.72
C SER A 36 11.19 -2.87 12.28
N ARG A 37 10.03 -2.83 11.62
CA ARG A 37 9.94 -3.14 10.20
C ARG A 37 8.61 -2.62 9.65
N VAL A 38 8.63 -2.14 8.41
CA VAL A 38 7.42 -1.63 7.76
C VAL A 38 7.11 -2.60 6.61
N ALA A 39 6.18 -3.50 6.83
CA ALA A 39 5.79 -4.41 5.76
C ALA A 39 5.31 -3.60 4.57
N PRO A 40 5.72 -3.94 3.35
CA PRO A 40 5.23 -3.20 2.18
C PRO A 40 3.76 -3.50 1.90
N GLY A 41 3.10 -2.51 1.32
CA GLY A 41 1.69 -2.60 0.99
C GLY A 41 0.77 -2.20 2.11
N THR A 42 1.28 -2.13 3.32
CA THR A 42 0.49 -1.79 4.47
C THR A 42 0.19 -0.29 4.50
N PRO A 43 -0.76 0.16 5.36
CA PRO A 43 -0.93 1.62 5.53
C PRO A 43 0.37 2.32 5.92
N ALA A 44 1.04 1.82 6.94
CA ALA A 44 2.23 2.47 7.47
C ALA A 44 3.33 2.62 6.43
N ASP A 45 3.37 1.76 5.38
CA ASP A 45 4.26 1.92 4.24
C ASP A 45 3.83 3.05 3.32
N LEU A 46 2.55 3.42 3.31
CA LEU A 46 2.01 4.25 2.23
C LEU A 46 1.38 5.53 2.73
N CYS A 47 1.87 6.08 3.83
CA CYS A 47 1.33 7.33 4.37
C CYS A 47 2.29 8.47 4.07
N VAL A 48 1.76 9.68 4.03
CA VAL A 48 2.63 10.82 3.88
C VAL A 48 2.40 11.74 5.05
N PRO A 49 3.47 12.11 5.76
CA PRO A 49 4.83 11.59 5.56
C PRO A 49 4.92 10.15 5.93
N ARG A 50 5.87 9.43 5.35
CA ARG A 50 5.90 7.98 5.40
C ARG A 50 6.69 7.47 6.58
N LEU A 51 6.09 6.51 7.29
CA LEU A 51 6.77 5.78 8.34
C LEU A 51 7.90 4.98 7.74
N ASN A 52 8.94 4.78 8.55
CA ASN A 52 10.13 4.11 8.10
C ASN A 52 10.71 3.38 9.29
N GLU A 53 11.63 2.46 9.02
CA GLU A 53 12.25 1.72 10.09
C GLU A 53 13.27 2.62 10.79
N GLY A 54 13.28 2.57 12.11
CA GLY A 54 14.23 3.34 12.88
C GLY A 54 13.72 4.66 13.40
N ASP A 55 12.60 5.15 12.90
CA ASP A 55 11.99 6.32 13.51
C ASP A 55 11.71 6.01 14.97
N GLN A 56 12.00 6.99 15.82
CA GLN A 56 11.64 6.96 17.22
C GLN A 56 10.30 7.66 17.38
N VAL A 57 9.36 6.97 18.03
CA VAL A 57 8.05 7.52 18.36
C VAL A 57 8.08 8.22 19.72
N VAL A 58 7.40 9.35 19.82
CA VAL A 58 7.35 10.11 21.06
C VAL A 58 5.95 10.11 21.65
N LEU A 59 4.93 10.18 20.79
CA LEU A 59 3.54 10.34 21.16
C LEU A 59 2.66 9.46 20.29
N ILE A 60 1.54 9.07 20.85
CA ILE A 60 0.55 8.27 20.16
C ILE A 60 -0.78 8.87 20.54
N ASN A 61 -1.49 9.43 19.56
CA ASN A 61 -2.77 10.08 19.83
C ASN A 61 -2.62 11.20 20.84
N GLY A 62 -1.41 11.69 21.02
CA GLY A 62 -1.14 12.76 21.96
C GLY A 62 -0.90 12.25 23.36
N ARG A 63 0.02 11.31 23.52
CA ARG A 63 0.36 10.83 24.85
C ARG A 63 1.86 10.59 24.95
N ASP A 64 2.51 11.22 25.91
CA ASP A 64 3.94 10.99 26.13
C ASP A 64 4.12 9.62 26.74
N ILE A 65 4.89 8.77 26.07
CA ILE A 65 5.07 7.37 26.47
C ILE A 65 6.48 7.12 27.00
N ALA A 66 7.21 8.19 27.30
CA ALA A 66 8.60 8.06 27.75
C ALA A 66 8.74 7.05 28.88
N GLU A 67 7.74 6.95 29.75
CA GLU A 67 7.86 6.11 30.93
C GLU A 67 6.91 4.92 30.89
N HIS A 68 6.50 4.48 29.71
CA HIS A 68 5.56 3.38 29.60
C HIS A 68 6.24 2.11 29.12
N THR A 69 5.57 0.98 29.35
CA THR A 69 6.15 -0.31 29.06
C THR A 69 5.77 -0.78 27.67
N HIS A 70 6.25 -1.98 27.33
CA HIS A 70 6.04 -2.55 26.01
C HIS A 70 4.58 -2.93 25.82
N ASP A 71 4.04 -3.77 26.71
CA ASP A 71 2.65 -4.16 26.57
C ASP A 71 1.73 -2.96 26.67
N GLN A 72 2.16 -1.93 27.41
CA GLN A 72 1.31 -0.76 27.63
C GLN A 72 1.15 0.07 26.37
N VAL A 73 2.27 0.43 25.76
CA VAL A 73 2.24 1.10 24.46
C VAL A 73 1.40 0.31 23.48
N VAL A 74 1.73 -0.98 23.33
CA VAL A 74 1.01 -1.85 22.40
C VAL A 74 -0.49 -1.74 22.61
N LEU A 75 -0.92 -1.71 23.86
CA LEU A 75 -2.33 -1.48 24.11
C LEU A 75 -2.76 -0.08 23.69
N PHE A 76 -1.86 0.89 23.74
CA PHE A 76 -2.24 2.25 23.35
C PHE A 76 -2.64 2.31 21.87
N ILE A 77 -1.93 1.59 21.02
CA ILE A 77 -2.16 1.69 19.58
C ILE A 77 -3.48 1.05 19.19
N LYS A 78 -3.77 -0.13 19.74
CA LYS A 78 -4.97 -0.88 19.45
C LYS A 78 -6.22 -0.24 20.05
N ALA A 79 -6.08 0.77 20.89
CA ALA A 79 -7.25 1.41 21.49
C ALA A 79 -7.92 2.26 20.42
N SER A 80 -8.73 1.63 19.58
CA SER A 80 -9.28 2.30 18.42
C SER A 80 -10.19 3.48 18.75
N CYS A 81 -10.28 3.93 20.01
CA CYS A 81 -11.16 5.04 20.38
C CYS A 81 -10.43 6.35 20.64
N GLU A 82 -9.13 6.31 20.95
CA GLU A 82 -8.37 7.55 21.01
C GLU A 82 -8.25 8.21 19.65
N ARG A 83 -8.69 7.56 18.58
CA ARG A 83 -8.44 8.03 17.23
C ARG A 83 -9.54 9.02 16.85
N HIS A 84 -9.15 10.29 16.72
CA HIS A 84 -10.06 11.29 16.18
C HIS A 84 -10.11 11.17 14.66
N SER A 85 -11.33 11.25 14.13
CA SER A 85 -11.60 11.03 12.72
C SER A 85 -11.28 9.59 12.34
N GLY A 86 -10.92 8.79 13.34
CA GLY A 86 -10.60 7.41 13.14
C GLY A 86 -9.23 7.14 12.60
N GLU A 87 -8.36 8.14 12.57
CA GLU A 87 -6.96 7.94 12.18
C GLU A 87 -6.05 7.94 13.41
N LEU A 88 -4.98 7.15 13.33
CA LEU A 88 -4.01 6.99 14.40
C LEU A 88 -2.90 8.00 14.22
N MET A 89 -2.77 8.94 15.15
CA MET A 89 -1.76 9.97 15.04
C MET A 89 -0.49 9.54 15.77
N LEU A 90 0.66 9.70 15.10
CA LEU A 90 1.96 9.30 15.61
C LEU A 90 2.93 10.44 15.41
N LEU A 91 3.73 10.72 16.42
CA LEU A 91 4.81 11.68 16.27
C LEU A 91 6.13 10.94 16.44
N VAL A 92 7.02 11.08 15.46
CA VAL A 92 8.28 10.37 15.44
C VAL A 92 9.46 11.30 15.22
N ARG A 93 10.65 10.81 15.57
CA ARG A 93 11.91 11.54 15.43
C ARG A 93 12.86 10.65 14.61
N PRO A 94 12.95 10.85 13.30
CA PRO A 94 13.79 9.96 12.50
C PRO A 94 15.27 10.17 12.77
N ASN B 5 -26.79 -13.84 38.72
CA ASN B 5 -27.52 -13.09 37.70
C ASN B 5 -26.63 -12.10 36.96
N LEU B 6 -26.71 -12.13 35.64
CA LEU B 6 -25.76 -11.43 34.79
C LEU B 6 -26.50 -10.83 33.61
N VAL B 7 -26.15 -9.60 33.23
CA VAL B 7 -26.85 -8.87 32.18
C VAL B 7 -25.92 -8.56 31.03
N LEU B 8 -26.43 -8.73 29.81
CA LEU B 8 -25.65 -8.66 28.58
C LEU B 8 -26.03 -7.41 27.81
N ILE B 9 -25.08 -6.51 27.63
CA ILE B 9 -25.39 -5.21 27.08
C ILE B 9 -24.58 -4.97 25.82
N ARG B 10 -25.23 -4.40 24.82
CA ARG B 10 -24.53 -4.00 23.60
C ARG B 10 -24.74 -2.52 23.35
N MET B 11 -23.76 -1.89 22.70
CA MET B 11 -23.73 -0.43 22.69
C MET B 11 -22.64 0.14 21.77
N LYS B 12 -23.06 0.96 20.80
CA LYS B 12 -22.15 1.61 19.89
C LYS B 12 -21.57 2.86 20.52
N PRO B 13 -20.40 3.26 20.10
CA PRO B 13 -19.80 4.51 20.57
C PRO B 13 -20.38 5.73 19.86
N ASP B 14 -20.12 6.88 20.45
CA ASP B 14 -20.53 8.12 19.80
C ASP B 14 -19.45 8.56 18.81
N GLU B 15 -19.53 9.81 18.38
CA GLU B 15 -18.55 10.30 17.42
C GLU B 15 -17.19 10.54 18.03
N ASN B 16 -17.11 10.77 19.35
CA ASN B 16 -15.85 11.01 20.01
C ASN B 16 -15.16 9.74 20.49
N GLY B 17 -15.81 8.59 20.34
CA GLY B 17 -15.28 7.36 20.89
C GLY B 17 -15.56 7.16 22.36
N ARG B 18 -16.52 7.87 22.94
CA ARG B 18 -16.84 7.81 24.36
C ARG B 18 -18.22 7.19 24.56
N PHE B 19 -18.34 6.25 25.49
CA PHE B 19 -19.63 5.63 25.74
C PHE B 19 -20.41 6.37 26.81
N GLY B 20 -19.74 7.16 27.65
CA GLY B 20 -20.40 7.89 28.69
C GLY B 20 -20.58 7.05 29.94
N PHE B 21 -19.49 6.61 30.55
CA PHE B 21 -19.54 5.95 31.84
C PHE B 21 -18.15 5.81 32.42
N ASN B 22 -18.08 5.80 33.75
CA ASN B 22 -16.84 5.75 34.50
C ASN B 22 -16.72 4.43 35.22
N VAL B 23 -15.49 3.93 35.33
CA VAL B 23 -15.25 2.74 36.11
C VAL B 23 -14.23 3.04 37.19
N LYS B 24 -14.40 2.39 38.32
CA LYS B 24 -13.41 2.39 39.36
C LYS B 24 -13.17 0.94 39.75
N GLY B 25 -11.97 0.68 40.22
CA GLY B 25 -11.58 -0.65 40.65
C GLY B 25 -10.44 -1.19 39.83
N GLY B 26 -10.05 -2.40 40.16
CA GLY B 26 -9.01 -3.07 39.40
C GLY B 26 -8.16 -3.94 40.30
N TYR B 27 -7.70 -5.04 39.72
CA TYR B 27 -6.70 -5.91 40.33
C TYR B 27 -5.65 -5.08 41.06
N ASP B 28 -5.32 -3.91 40.51
CA ASP B 28 -4.35 -3.02 41.15
C ASP B 28 -4.94 -2.29 42.35
N GLN B 29 -6.19 -1.85 42.27
CA GLN B 29 -6.82 -1.11 43.35
C GLN B 29 -7.49 -2.02 44.36
N LYS B 30 -7.15 -3.30 44.37
CA LYS B 30 -7.68 -4.23 45.37
C LYS B 30 -9.19 -4.13 45.45
N MET B 31 -9.81 -3.85 44.31
CA MET B 31 -11.20 -3.50 44.20
C MET B 31 -11.72 -4.04 42.87
N PRO B 32 -12.97 -4.46 42.82
CA PRO B 32 -13.51 -4.94 41.53
C PRO B 32 -13.89 -3.78 40.63
N VAL B 33 -13.92 -4.07 39.33
CA VAL B 33 -14.32 -3.06 38.36
C VAL B 33 -15.83 -2.85 38.50
N ILE B 34 -16.23 -1.61 38.81
CA ILE B 34 -17.64 -1.28 39.00
C ILE B 34 -17.89 0.08 38.35
N VAL B 35 -18.98 0.17 37.58
CA VAL B 35 -19.33 1.42 36.92
C VAL B 35 -19.56 2.45 38.01
N SER B 36 -18.61 3.39 38.18
CA SER B 36 -18.82 4.40 39.20
C SER B 36 -19.94 5.35 38.80
N ARG B 37 -20.03 5.72 37.53
CA ARG B 37 -21.09 6.59 37.05
C ARG B 37 -21.46 6.24 35.62
N VAL B 38 -22.68 6.62 35.24
CA VAL B 38 -23.24 6.38 33.90
C VAL B 38 -23.84 7.70 33.43
N ALA B 39 -23.36 8.21 32.30
CA ALA B 39 -23.78 9.52 31.84
C ALA B 39 -25.17 9.47 31.22
N PRO B 40 -25.85 10.61 31.11
CA PRO B 40 -27.20 10.60 30.51
C PRO B 40 -27.20 11.07 29.08
N GLY B 41 -28.02 10.44 28.26
CA GLY B 41 -27.99 10.78 26.87
C GLY B 41 -26.83 10.19 26.12
N THR B 42 -25.96 9.48 26.79
CA THR B 42 -24.87 8.76 26.19
C THR B 42 -25.32 7.35 25.82
N PRO B 43 -24.60 6.67 24.92
CA PRO B 43 -24.98 5.30 24.56
C PRO B 43 -25.21 4.37 25.75
N ALA B 44 -24.33 4.44 26.76
CA ALA B 44 -24.51 3.62 27.96
C ALA B 44 -25.86 3.85 28.60
N ASP B 45 -26.37 5.08 28.54
CA ASP B 45 -27.65 5.39 29.18
C ASP B 45 -28.81 4.91 28.32
N LEU B 46 -28.74 5.12 27.01
CA LEU B 46 -29.84 4.75 26.12
C LEU B 46 -29.72 3.34 25.59
N CYS B 47 -28.61 2.63 25.83
CA CYS B 47 -28.54 1.26 25.33
C CYS B 47 -29.45 0.36 26.14
N VAL B 48 -29.92 -0.70 25.48
CA VAL B 48 -30.86 -1.67 26.05
C VAL B 48 -30.22 -3.06 25.90
N PRO B 49 -30.02 -3.79 27.02
CA PRO B 49 -30.34 -3.36 28.37
C PRO B 49 -29.48 -2.20 28.78
N ARG B 50 -30.03 -1.36 29.65
CA ARG B 50 -29.36 -0.15 30.09
C ARG B 50 -28.35 -0.44 31.18
N LEU B 51 -27.29 0.34 31.18
CA LEU B 51 -26.25 0.21 32.17
C LEU B 51 -26.56 1.12 33.33
N ASN B 52 -26.58 0.56 34.53
CA ASN B 52 -26.76 1.33 35.73
C ASN B 52 -25.49 1.30 36.56
N GLU B 53 -25.31 2.33 37.37
CA GLU B 53 -24.18 2.40 38.27
C GLU B 53 -24.23 1.29 39.29
N GLY B 54 -23.07 0.83 39.71
CA GLY B 54 -22.96 -0.25 40.65
C GLY B 54 -22.89 -1.62 40.02
N ASP B 55 -23.19 -1.72 38.74
CA ASP B 55 -22.97 -2.98 38.04
C ASP B 55 -21.49 -3.30 38.02
N GLN B 56 -21.18 -4.56 38.30
CA GLN B 56 -19.80 -5.04 38.34
C GLN B 56 -19.46 -5.77 37.05
N VAL B 57 -18.44 -5.28 36.33
CA VAL B 57 -18.00 -5.91 35.09
C VAL B 57 -17.33 -7.24 35.37
N VAL B 58 -17.58 -8.20 34.48
CA VAL B 58 -16.87 -9.47 34.47
C VAL B 58 -16.09 -9.66 33.18
N LEU B 59 -16.61 -9.16 32.07
CA LEU B 59 -16.03 -9.43 30.77
C LEU B 59 -16.06 -8.17 29.93
N ILE B 60 -14.90 -7.79 29.42
CA ILE B 60 -14.78 -6.64 28.52
C ILE B 60 -14.54 -7.18 27.14
N ASN B 61 -15.53 -7.03 26.26
CA ASN B 61 -15.44 -7.53 24.91
C ASN B 61 -15.05 -9.01 24.90
N GLY B 62 -15.82 -9.81 25.64
CA GLY B 62 -15.56 -11.24 25.71
C GLY B 62 -14.18 -11.59 26.23
N ARG B 63 -13.74 -10.93 27.30
CA ARG B 63 -12.46 -11.26 27.89
C ARG B 63 -12.57 -11.06 29.38
N ASP B 64 -12.29 -12.11 30.15
CA ASP B 64 -12.37 -12.00 31.59
C ASP B 64 -11.23 -11.13 32.07
N ILE B 65 -11.58 -10.06 32.77
CA ILE B 65 -10.59 -9.02 33.08
C ILE B 65 -10.34 -9.00 34.59
N ALA B 66 -10.54 -10.16 35.22
CA ALA B 66 -10.49 -10.28 36.67
C ALA B 66 -9.10 -10.12 37.26
N GLU B 67 -8.04 -10.16 36.45
CA GLU B 67 -6.69 -10.02 36.97
C GLU B 67 -5.91 -8.95 36.24
N HIS B 68 -6.58 -8.17 35.42
CA HIS B 68 -5.95 -7.06 34.76
C HIS B 68 -6.06 -5.83 35.64
N THR B 69 -5.05 -4.96 35.55
CA THR B 69 -5.09 -3.72 36.29
C THR B 69 -6.15 -2.77 35.74
N HIS B 70 -6.32 -1.67 36.47
CA HIS B 70 -7.30 -0.66 36.09
C HIS B 70 -7.00 -0.07 34.72
N ASP B 71 -5.78 0.43 34.52
CA ASP B 71 -5.45 0.93 33.20
C ASP B 71 -5.64 -0.14 32.14
N GLN B 72 -5.34 -1.39 32.49
CA GLN B 72 -5.57 -2.47 31.55
C GLN B 72 -7.03 -2.50 31.09
N VAL B 73 -7.95 -2.60 32.04
CA VAL B 73 -9.34 -2.75 31.66
C VAL B 73 -9.79 -1.57 30.80
N VAL B 74 -9.52 -0.35 31.26
CA VAL B 74 -9.89 0.87 30.55
C VAL B 74 -9.43 0.77 29.12
N LEU B 75 -8.30 0.12 28.92
CA LEU B 75 -7.71 0.02 27.60
C LEU B 75 -8.42 -1.03 26.76
N PHE B 76 -8.72 -2.21 27.33
CA PHE B 76 -9.50 -3.17 26.57
C PHE B 76 -10.84 -2.58 26.15
N ILE B 77 -11.37 -1.66 26.96
CA ILE B 77 -12.64 -1.05 26.60
C ILE B 77 -12.51 -0.15 25.39
N LYS B 78 -11.33 0.37 25.11
CA LYS B 78 -11.15 1.33 24.02
C LYS B 78 -10.73 0.70 22.70
N ALA B 79 -10.55 -0.63 22.64
CA ALA B 79 -10.32 -1.29 21.36
C ALA B 79 -11.62 -1.64 20.67
N SER B 80 -12.72 -1.20 21.25
CA SER B 80 -14.05 -1.45 20.75
C SER B 80 -14.55 -0.18 20.08
N CYS B 81 -13.89 0.20 19.01
CA CYS B 81 -14.31 1.37 18.27
C CYS B 81 -14.03 1.16 16.79
N GLY B 86 -18.14 -3.25 15.71
CA GLY B 86 -18.08 -1.81 15.82
C GLY B 86 -18.62 -1.28 17.13
N GLU B 87 -19.20 -2.16 17.93
CA GLU B 87 -19.84 -1.80 19.19
C GLU B 87 -19.14 -2.48 20.37
N LEU B 88 -19.47 -2.00 21.57
CA LEU B 88 -18.94 -2.52 22.82
C LEU B 88 -19.87 -3.57 23.40
N MET B 89 -19.29 -4.65 23.89
CA MET B 89 -20.06 -5.66 24.60
C MET B 89 -19.49 -5.75 26.01
N LEU B 90 -20.39 -5.79 26.99
CA LEU B 90 -20.00 -6.06 28.35
C LEU B 90 -21.03 -6.96 28.99
N LEU B 91 -20.58 -7.79 29.93
CA LEU B 91 -21.43 -8.67 30.70
C LEU B 91 -21.20 -8.39 32.17
N VAL B 92 -22.26 -7.98 32.88
CA VAL B 92 -22.10 -7.48 34.23
C VAL B 92 -23.12 -8.11 35.16
N ARG B 93 -22.89 -7.88 36.45
CA ARG B 93 -23.74 -8.38 37.52
C ARG B 93 -24.18 -7.19 38.37
N PRO B 94 -25.48 -6.92 38.50
CA PRO B 94 -26.07 -5.84 39.30
C PRO B 94 -25.82 -5.99 40.79
N ASP C 4 -17.18 -21.06 -19.03
CA ASP C 4 -16.01 -20.19 -18.97
C ASP C 4 -16.14 -18.99 -18.01
N ASN C 5 -15.06 -18.72 -17.29
CA ASN C 5 -15.01 -17.63 -16.32
C ASN C 5 -13.68 -16.91 -16.45
N LEU C 6 -13.73 -15.59 -16.26
CA LEU C 6 -12.60 -14.70 -16.49
C LEU C 6 -12.62 -13.59 -15.47
N VAL C 7 -11.45 -13.06 -15.16
CA VAL C 7 -11.33 -12.13 -14.05
C VAL C 7 -10.29 -11.08 -14.42
N LEU C 8 -10.60 -9.83 -14.12
CA LEU C 8 -9.71 -8.71 -14.46
C LEU C 8 -8.91 -8.32 -13.23
N ILE C 9 -7.59 -8.28 -13.37
CA ILE C 9 -6.71 -7.87 -12.27
C ILE C 9 -5.86 -6.68 -12.71
N ARG C 10 -5.77 -5.67 -11.84
CA ARG C 10 -4.95 -4.48 -12.04
C ARG C 10 -4.11 -4.22 -10.79
N MET C 11 -2.85 -3.82 -10.99
CA MET C 11 -1.87 -3.57 -9.93
C MET C 11 -0.81 -2.57 -10.42
N LYS C 12 0.06 -2.13 -9.51
CA LYS C 12 1.09 -1.13 -9.78
C LYS C 12 2.41 -1.49 -9.11
N PRO C 13 3.56 -1.06 -9.67
CA PRO C 13 4.84 -1.53 -9.16
C PRO C 13 5.34 -0.80 -7.93
N ASP C 14 6.24 -1.48 -7.21
CA ASP C 14 6.87 -0.89 -6.04
C ASP C 14 7.78 0.26 -6.45
N GLU C 15 8.38 0.94 -5.47
CA GLU C 15 9.30 2.02 -5.78
C GLU C 15 10.28 1.59 -6.87
N ASN C 16 10.80 0.36 -6.75
CA ASN C 16 11.75 -0.16 -7.73
C ASN C 16 11.13 -0.48 -9.07
N GLY C 17 9.82 -0.34 -9.24
CA GLY C 17 9.24 -0.61 -10.53
C GLY C 17 9.15 -2.08 -10.85
N ARG C 18 9.22 -2.94 -9.83
CA ARG C 18 8.96 -4.35 -9.96
C ARG C 18 7.55 -4.63 -9.47
N PHE C 19 7.02 -5.78 -9.87
CA PHE C 19 5.73 -6.28 -9.40
C PHE C 19 5.86 -7.44 -8.43
N GLY C 20 6.83 -8.31 -8.64
CA GLY C 20 7.07 -9.38 -7.71
C GLY C 20 6.45 -10.67 -8.14
N PHE C 21 6.60 -11.02 -9.41
CA PHE C 21 6.16 -12.33 -9.86
C PHE C 21 7.00 -12.76 -11.04
N ASN C 22 6.93 -14.06 -11.33
CA ASN C 22 7.69 -14.72 -12.36
C ASN C 22 6.77 -15.24 -13.46
N VAL C 23 7.32 -15.46 -14.65
CA VAL C 23 6.53 -15.91 -15.78
C VAL C 23 7.20 -17.06 -16.52
N LYS C 24 6.38 -17.84 -17.20
CA LYS C 24 6.84 -19.01 -17.93
C LYS C 24 5.87 -19.25 -19.08
N GLY C 25 6.41 -19.65 -20.23
CA GLY C 25 5.61 -19.97 -21.40
C GLY C 25 5.74 -18.93 -22.49
N GLY C 26 5.19 -19.28 -23.65
CA GLY C 26 5.16 -18.36 -24.76
C GLY C 26 4.99 -19.08 -26.07
N TYR C 27 4.71 -18.29 -27.11
CA TYR C 27 4.66 -18.84 -28.45
C TYR C 27 5.94 -19.59 -28.80
N ASP C 28 7.09 -19.05 -28.38
CA ASP C 28 8.38 -19.68 -28.63
C ASP C 28 8.44 -21.06 -28.01
N GLN C 29 7.90 -21.19 -26.81
CA GLN C 29 7.84 -22.45 -26.10
C GLN C 29 6.64 -23.28 -26.49
N LYS C 30 5.74 -22.72 -27.30
CA LYS C 30 4.49 -23.38 -27.67
C LYS C 30 3.63 -23.62 -26.45
N MET C 31 3.77 -22.78 -25.43
CA MET C 31 2.98 -22.87 -24.21
C MET C 31 2.30 -21.54 -23.95
N PRO C 32 1.10 -21.56 -23.37
CA PRO C 32 0.49 -20.29 -22.97
C PRO C 32 1.32 -19.66 -21.86
N VAL C 33 0.90 -18.48 -21.45
CA VAL C 33 1.67 -17.69 -20.49
C VAL C 33 1.07 -17.90 -19.10
N ILE C 34 1.93 -18.26 -18.16
CA ILE C 34 1.53 -18.79 -16.86
C ILE C 34 2.43 -18.20 -15.78
N VAL C 35 1.87 -18.00 -14.59
CA VAL C 35 2.61 -17.44 -13.46
C VAL C 35 3.47 -18.52 -12.84
N SER C 36 4.80 -18.39 -12.94
CA SER C 36 5.67 -19.41 -12.35
C SER C 36 5.88 -19.23 -10.85
N ARG C 37 5.67 -18.04 -10.30
CA ARG C 37 5.88 -17.83 -8.87
C ARG C 37 5.23 -16.51 -8.49
N VAL C 38 4.83 -16.40 -7.22
CA VAL C 38 4.32 -15.13 -6.68
C VAL C 38 5.00 -14.87 -5.34
N ALA C 39 5.76 -13.76 -5.27
CA ALA C 39 6.56 -13.44 -4.10
C ALA C 39 5.71 -12.73 -3.05
N PRO C 40 5.88 -13.09 -1.77
CA PRO C 40 5.01 -12.53 -0.73
C PRO C 40 5.28 -11.05 -0.40
N GLY C 41 4.22 -10.34 -0.06
CA GLY C 41 4.30 -8.94 0.28
C GLY C 41 4.50 -8.02 -0.88
N THR C 42 4.50 -8.54 -2.11
CA THR C 42 4.63 -7.79 -3.35
C THR C 42 3.24 -7.46 -3.89
N PRO C 43 3.15 -6.52 -4.83
CA PRO C 43 1.81 -6.14 -5.33
C PRO C 43 0.99 -7.28 -5.92
N ALA C 44 1.59 -8.12 -6.76
CA ALA C 44 0.85 -9.27 -7.29
C ALA C 44 0.19 -10.07 -6.19
N ASP C 45 0.80 -10.11 -5.02
CA ASP C 45 0.32 -10.91 -3.90
C ASP C 45 -0.81 -10.25 -3.14
N LEU C 46 -0.82 -8.92 -3.08
CA LEU C 46 -1.80 -8.18 -2.29
C LEU C 46 -2.96 -7.63 -3.09
N CYS C 47 -2.91 -7.67 -4.42
CA CYS C 47 -3.93 -7.01 -5.23
C CYS C 47 -5.29 -7.71 -5.10
N VAL C 48 -6.32 -7.05 -5.61
CA VAL C 48 -7.68 -7.50 -5.48
C VAL C 48 -8.39 -7.43 -6.83
N PRO C 49 -8.75 -8.60 -7.41
CA PRO C 49 -8.45 -9.93 -6.90
C PRO C 49 -6.97 -10.27 -7.02
N ARG C 50 -6.50 -11.23 -6.25
CA ARG C 50 -5.07 -11.48 -6.14
C ARG C 50 -4.55 -12.31 -7.31
N LEU C 51 -3.28 -12.10 -7.62
CA LEU C 51 -2.57 -12.92 -8.59
C LEU C 51 -2.12 -14.22 -7.92
N ASN C 52 -2.22 -15.32 -8.67
CA ASN C 52 -2.01 -16.64 -8.09
C ASN C 52 -1.21 -17.48 -9.07
N GLU C 53 -0.23 -18.24 -8.57
CA GLU C 53 0.44 -19.22 -9.42
C GLU C 53 -0.63 -20.06 -10.12
N GLY C 54 -0.35 -20.48 -11.35
CA GLY C 54 -1.33 -21.26 -12.09
C GLY C 54 -2.53 -20.52 -12.65
N ASP C 55 -2.33 -19.31 -13.18
CA ASP C 55 -3.36 -18.52 -13.84
C ASP C 55 -2.87 -18.21 -15.24
N GLN C 56 -3.65 -18.58 -16.26
CA GLN C 56 -3.22 -18.40 -17.64
C GLN C 56 -3.58 -16.99 -18.08
N VAL C 57 -2.62 -16.25 -18.61
CA VAL C 57 -2.86 -14.85 -18.97
C VAL C 57 -3.42 -14.77 -20.38
N VAL C 58 -4.21 -13.73 -20.63
CA VAL C 58 -4.85 -13.60 -21.92
C VAL C 58 -4.62 -12.21 -22.48
N LEU C 59 -4.66 -11.19 -21.62
CA LEU C 59 -4.55 -9.78 -22.02
C LEU C 59 -3.59 -9.04 -21.11
N ILE C 60 -2.94 -8.03 -21.70
CA ILE C 60 -1.98 -7.18 -21.01
C ILE C 60 -2.20 -5.74 -21.48
N ASN C 61 -2.87 -4.94 -20.66
CA ASN C 61 -3.25 -3.57 -20.99
C ASN C 61 -4.15 -3.48 -22.22
N GLY C 62 -4.56 -4.62 -22.75
CA GLY C 62 -5.39 -4.66 -23.92
C GLY C 62 -4.62 -5.13 -25.13
N ARG C 63 -4.05 -6.34 -25.04
CA ARG C 63 -3.39 -6.97 -26.18
C ARG C 63 -3.43 -8.49 -26.01
N ASP C 64 -3.77 -9.19 -27.10
CA ASP C 64 -3.86 -10.65 -27.14
C ASP C 64 -2.44 -11.21 -27.32
N ILE C 65 -1.87 -11.69 -26.22
CA ILE C 65 -0.52 -12.25 -26.16
C ILE C 65 -0.49 -13.71 -26.58
N ALA C 66 -1.54 -14.15 -27.26
CA ALA C 66 -1.61 -15.54 -27.71
C ALA C 66 -0.43 -15.91 -28.60
N GLU C 67 -0.09 -15.07 -29.58
CA GLU C 67 0.91 -15.40 -30.58
C GLU C 67 2.27 -14.75 -30.34
N HIS C 68 2.52 -14.24 -29.13
CA HIS C 68 3.75 -13.51 -28.87
C HIS C 68 4.80 -14.40 -28.22
N THR C 69 6.05 -14.07 -28.46
CA THR C 69 7.15 -14.79 -27.85
C THR C 69 7.26 -14.41 -26.38
N HIS C 70 7.83 -15.32 -25.60
CA HIS C 70 8.12 -15.06 -24.19
C HIS C 70 8.70 -13.67 -24.00
N ASP C 71 9.63 -13.29 -24.88
CA ASP C 71 10.31 -12.02 -24.71
C ASP C 71 9.39 -10.85 -25.02
N GLN C 72 8.74 -10.90 -26.17
CA GLN C 72 7.73 -9.90 -26.52
C GLN C 72 6.79 -9.64 -25.37
N VAL C 73 6.25 -10.71 -24.77
CA VAL C 73 5.31 -10.58 -23.67
C VAL C 73 5.92 -9.78 -22.53
N VAL C 74 7.09 -10.21 -22.04
CA VAL C 74 7.80 -9.47 -21.00
C VAL C 74 7.93 -8.01 -21.39
N LEU C 75 8.30 -7.77 -22.66
CA LEU C 75 8.39 -6.39 -23.13
C LEU C 75 7.07 -5.65 -22.90
N PHE C 76 5.95 -6.24 -23.32
CA PHE C 76 4.67 -5.57 -23.09
C PHE C 76 4.45 -5.26 -21.62
N ILE C 77 5.09 -6.01 -20.73
CA ILE C 77 4.83 -5.81 -19.30
C ILE C 77 5.62 -4.62 -18.78
N LYS C 78 6.90 -4.55 -19.12
CA LYS C 78 7.76 -3.45 -18.72
C LYS C 78 7.49 -2.19 -19.53
N ALA C 79 6.38 -2.14 -20.27
CA ALA C 79 6.09 -1.03 -21.17
C ALA C 79 5.21 -0.02 -20.43
N SER C 80 5.89 0.69 -19.53
CA SER C 80 5.27 1.59 -18.58
C SER C 80 4.41 2.65 -19.25
N CYS C 81 4.48 2.78 -20.57
CA CYS C 81 3.59 3.73 -21.25
C CYS C 81 2.19 3.19 -21.36
N GLU C 82 2.06 1.91 -21.68
CA GLU C 82 0.77 1.40 -22.08
C GLU C 82 -0.21 1.39 -20.94
N ARG C 83 0.28 1.37 -19.71
CA ARG C 83 -0.57 1.20 -18.53
C ARG C 83 -1.54 2.37 -18.38
N HIS C 84 -2.83 2.07 -18.39
CA HIS C 84 -3.85 3.09 -18.23
C HIS C 84 -3.86 3.59 -16.79
N SER C 85 -3.87 4.91 -16.61
CA SER C 85 -3.78 5.50 -15.29
C SER C 85 -2.60 4.94 -14.50
N GLY C 86 -1.60 4.45 -15.24
CA GLY C 86 -0.43 3.79 -14.68
C GLY C 86 -0.69 2.40 -14.16
N GLU C 87 -1.88 1.84 -14.36
CA GLU C 87 -2.19 0.50 -13.87
C GLU C 87 -2.03 -0.54 -14.97
N LEU C 88 -1.60 -1.74 -14.56
CA LEU C 88 -1.31 -2.83 -15.47
C LEU C 88 -2.50 -3.78 -15.52
N MET C 89 -3.45 -3.47 -16.38
CA MET C 89 -4.60 -4.34 -16.54
C MET C 89 -4.18 -5.65 -17.21
N LEU C 90 -4.49 -6.77 -16.56
CA LEU C 90 -4.31 -8.09 -17.14
C LEU C 90 -5.59 -8.87 -16.94
N LEU C 91 -6.00 -9.59 -17.95
CA LEU C 91 -7.13 -10.48 -17.81
C LEU C 91 -6.62 -11.90 -17.90
N VAL C 92 -7.15 -12.79 -17.07
CA VAL C 92 -6.65 -14.13 -16.91
C VAL C 92 -7.79 -15.14 -16.84
N ARG C 93 -7.48 -16.38 -17.20
CA ARG C 93 -8.34 -17.52 -16.88
C ARG C 93 -7.73 -18.28 -15.72
N PRO C 94 -8.46 -18.47 -14.61
CA PRO C 94 -8.02 -19.19 -13.41
C PRO C 94 -7.64 -20.66 -13.67
N ASP D 4 30.00 13.03 -34.73
CA ASP D 4 28.71 12.74 -35.33
C ASP D 4 27.84 13.97 -35.15
N ASN D 5 28.33 14.88 -34.30
CA ASN D 5 27.67 16.16 -34.05
C ASN D 5 26.25 15.95 -33.53
N LEU D 6 26.04 14.89 -32.76
CA LEU D 6 24.67 14.51 -32.42
C LEU D 6 24.08 15.46 -31.38
N VAL D 7 22.81 15.21 -31.06
CA VAL D 7 22.02 15.98 -30.12
C VAL D 7 21.36 15.04 -29.13
N LEU D 8 21.23 15.47 -27.89
CA LEU D 8 20.53 14.70 -26.87
C LEU D 8 19.26 15.42 -26.46
N ILE D 9 18.20 14.65 -26.29
CA ILE D 9 16.88 15.19 -26.01
C ILE D 9 16.23 14.41 -24.88
N ARG D 10 15.45 15.11 -24.06
CA ARG D 10 14.66 14.43 -23.03
C ARG D 10 13.32 15.12 -22.87
N MET D 11 12.25 14.33 -22.82
CA MET D 11 10.91 14.88 -22.77
C MET D 11 10.04 14.05 -21.84
N LYS D 12 9.02 14.68 -21.33
CA LYS D 12 8.16 13.99 -20.39
C LYS D 12 6.87 13.56 -21.06
N PRO D 13 6.48 12.30 -20.93
CA PRO D 13 5.26 11.83 -21.58
C PRO D 13 4.04 12.49 -20.96
N ASP D 14 2.99 12.55 -21.75
CA ASP D 14 1.77 13.19 -21.28
C ASP D 14 1.06 12.29 -20.28
N GLU D 15 -0.21 12.61 -20.03
CA GLU D 15 -1.04 11.87 -19.10
C GLU D 15 -1.40 10.49 -19.62
N ASN D 16 -1.46 10.32 -20.94
CA ASN D 16 -1.67 9.00 -21.51
C ASN D 16 -0.36 8.26 -21.73
N GLY D 17 0.76 8.85 -21.35
CA GLY D 17 2.03 8.26 -21.70
C GLY D 17 2.34 8.38 -23.15
N ARG D 18 1.87 9.44 -23.81
CA ARG D 18 2.21 9.70 -25.21
C ARG D 18 3.30 10.76 -25.30
N PHE D 19 4.18 10.58 -26.29
CA PHE D 19 5.21 11.57 -26.52
C PHE D 19 4.85 12.49 -27.66
N GLY D 20 4.16 11.97 -28.69
CA GLY D 20 3.68 12.78 -29.78
C GLY D 20 4.56 12.76 -31.00
N PHE D 21 4.90 11.57 -31.48
CA PHE D 21 5.77 11.47 -32.64
C PHE D 21 5.72 10.06 -33.19
N ASN D 22 6.21 9.92 -34.41
CA ASN D 22 6.14 8.65 -35.11
C ASN D 22 7.54 8.16 -35.46
N VAL D 23 7.61 6.90 -35.89
CA VAL D 23 8.87 6.26 -36.26
C VAL D 23 8.64 5.33 -37.44
N LYS D 24 9.65 5.23 -38.31
CA LYS D 24 9.71 4.23 -39.35
C LYS D 24 11.10 3.60 -39.39
N GLY D 25 11.16 2.28 -39.66
CA GLY D 25 12.42 1.56 -39.86
C GLY D 25 12.76 0.60 -38.73
N GLY D 26 14.01 0.12 -38.75
CA GLY D 26 14.50 -0.82 -37.74
C GLY D 26 15.32 -1.96 -38.29
N TYR D 27 15.85 -2.84 -37.44
CA TYR D 27 16.74 -3.89 -37.93
C TYR D 27 16.02 -4.85 -38.87
N ASP D 28 14.71 -4.98 -38.71
CA ASP D 28 13.91 -5.84 -39.56
C ASP D 28 13.45 -5.12 -40.81
N GLN D 29 13.14 -3.84 -40.68
CA GLN D 29 12.85 -2.97 -41.80
C GLN D 29 14.10 -2.51 -42.52
N LYS D 30 15.26 -3.05 -42.11
CA LYS D 30 16.54 -2.83 -42.77
C LYS D 30 16.79 -1.34 -42.98
N MET D 31 16.20 -0.56 -42.09
CA MET D 31 16.10 0.87 -42.24
C MET D 31 16.39 1.49 -40.90
N PRO D 32 17.05 2.64 -40.87
CA PRO D 32 17.33 3.33 -39.62
C PRO D 32 16.06 3.77 -38.92
N VAL D 33 16.25 4.35 -37.74
CA VAL D 33 15.15 4.77 -36.89
C VAL D 33 14.99 6.27 -37.13
N ILE D 34 14.10 6.60 -38.05
CA ILE D 34 13.81 7.99 -38.39
C ILE D 34 12.43 8.31 -37.86
N VAL D 35 12.29 9.52 -37.33
CA VAL D 35 11.01 10.00 -36.85
C VAL D 35 10.09 10.23 -38.03
N SER D 36 9.08 9.38 -38.19
CA SER D 36 8.09 9.61 -39.23
C SER D 36 7.43 10.98 -39.07
N ARG D 37 6.98 11.32 -37.85
CA ARG D 37 6.40 12.64 -37.61
C ARG D 37 6.61 13.04 -36.15
N VAL D 38 6.43 14.34 -35.88
CA VAL D 38 6.44 14.92 -34.53
C VAL D 38 5.16 15.74 -34.38
N ALA D 39 4.26 15.27 -33.52
CA ALA D 39 2.93 15.88 -33.42
C ALA D 39 3.02 17.25 -32.75
N PRO D 40 2.15 18.18 -33.10
CA PRO D 40 2.42 19.58 -32.77
C PRO D 40 2.00 19.94 -31.37
N GLY D 41 2.86 20.67 -30.68
CA GLY D 41 2.57 21.02 -29.31
C GLY D 41 2.51 19.81 -28.40
N THR D 42 3.10 18.72 -28.81
CA THR D 42 3.29 17.55 -27.99
C THR D 42 4.52 17.70 -27.10
N PRO D 43 4.70 16.83 -26.11
CA PRO D 43 5.99 16.84 -25.38
C PRO D 43 7.16 16.86 -26.32
N ALA D 44 7.08 16.09 -27.40
CA ALA D 44 8.09 16.13 -28.44
C ALA D 44 8.16 17.50 -29.08
N ASP D 45 7.03 18.02 -29.51
CA ASP D 45 7.08 19.30 -30.19
C ASP D 45 7.61 20.41 -29.29
N LEU D 46 7.63 20.20 -27.97
CA LEU D 46 7.92 21.26 -27.01
C LEU D 46 9.18 21.06 -26.17
N CYS D 47 9.67 19.84 -25.99
CA CYS D 47 10.85 19.65 -25.17
C CYS D 47 12.02 20.44 -25.74
N VAL D 48 13.08 20.53 -24.95
CA VAL D 48 14.27 21.26 -25.39
C VAL D 48 15.58 20.50 -25.14
N PRO D 49 16.42 20.37 -26.19
CA PRO D 49 16.12 20.83 -27.56
C PRO D 49 14.95 20.08 -28.18
N ARG D 50 14.22 20.71 -29.11
CA ARG D 50 13.02 20.13 -29.69
C ARG D 50 13.39 19.11 -30.77
N LEU D 51 12.46 18.20 -31.04
CA LEU D 51 12.66 17.07 -31.94
C LEU D 51 12.01 17.35 -33.30
N ASN D 52 12.77 17.20 -34.37
CA ASN D 52 12.28 17.49 -35.71
C ASN D 52 12.27 16.24 -36.58
N GLU D 53 11.37 16.22 -37.55
CA GLU D 53 11.26 15.07 -38.44
C GLU D 53 12.55 14.84 -39.20
N GLY D 54 12.81 13.57 -39.51
CA GLY D 54 13.95 13.19 -40.32
C GLY D 54 15.22 12.90 -39.57
N ASP D 55 15.23 13.06 -38.26
CA ASP D 55 16.43 12.77 -37.47
C ASP D 55 16.59 11.27 -37.30
N GLN D 56 17.81 10.86 -37.01
CA GLN D 56 18.15 9.45 -36.90
C GLN D 56 18.50 9.09 -35.46
N VAL D 57 17.84 8.05 -34.95
CA VAL D 57 17.99 7.64 -33.57
C VAL D 57 19.20 6.74 -33.43
N VAL D 58 19.97 6.97 -32.37
CA VAL D 58 21.07 6.10 -31.99
C VAL D 58 20.71 5.23 -30.81
N LEU D 59 20.26 5.84 -29.72
CA LEU D 59 19.98 5.04 -28.55
C LEU D 59 18.86 5.65 -27.73
N ILE D 60 18.08 4.77 -27.11
CA ILE D 60 16.89 5.11 -26.35
C ILE D 60 17.18 4.80 -24.90
N ASN D 61 17.00 5.80 -24.03
CA ASN D 61 17.32 5.65 -22.63
C ASN D 61 18.71 5.05 -22.45
N GLY D 62 19.59 5.30 -23.42
CA GLY D 62 20.97 4.88 -23.35
C GLY D 62 21.27 3.53 -23.95
N ARG D 63 20.43 3.01 -24.83
CA ARG D 63 20.63 1.71 -25.42
C ARG D 63 20.84 1.87 -26.93
N ASP D 64 22.05 1.54 -27.40
CA ASP D 64 22.25 1.50 -28.84
C ASP D 64 21.28 0.50 -29.44
N ILE D 65 20.54 0.94 -30.44
CA ILE D 65 19.40 0.16 -30.94
C ILE D 65 19.56 -0.24 -32.39
N ALA D 66 20.81 -0.36 -32.85
CA ALA D 66 21.07 -0.71 -34.24
C ALA D 66 20.72 -2.16 -34.56
N GLU D 67 20.67 -3.04 -33.56
CA GLU D 67 20.36 -4.44 -33.81
C GLU D 67 19.02 -4.85 -33.23
N HIS D 68 18.17 -3.91 -32.88
CA HIS D 68 16.85 -4.24 -32.39
C HIS D 68 15.82 -4.08 -33.51
N THR D 69 14.69 -4.74 -33.32
CA THR D 69 13.65 -4.67 -34.32
C THR D 69 12.75 -3.48 -34.07
N HIS D 70 11.83 -3.28 -35.03
CA HIS D 70 10.86 -2.19 -34.94
C HIS D 70 10.04 -2.29 -33.68
N ASP D 71 9.52 -3.47 -33.39
CA ASP D 71 8.66 -3.58 -32.23
C ASP D 71 9.47 -3.51 -30.94
N GLN D 72 10.56 -4.28 -30.85
CA GLN D 72 11.40 -4.24 -29.65
C GLN D 72 11.72 -2.80 -29.27
N VAL D 73 12.12 -2.01 -30.25
CA VAL D 73 12.49 -0.62 -30.02
C VAL D 73 11.32 0.16 -29.46
N VAL D 74 10.20 0.17 -30.18
CA VAL D 74 9.03 0.92 -29.75
C VAL D 74 8.61 0.49 -28.37
N LEU D 75 8.80 -0.77 -28.04
CA LEU D 75 8.56 -1.25 -26.70
C LEU D 75 9.54 -0.60 -25.73
N PHE D 76 10.80 -0.45 -26.11
CA PHE D 76 11.78 0.20 -25.25
C PHE D 76 11.46 1.66 -25.05
N ILE D 77 10.74 2.28 -25.97
CA ILE D 77 10.34 3.65 -25.78
C ILE D 77 9.17 3.75 -24.82
N LYS D 78 8.37 2.70 -24.70
CA LYS D 78 7.25 2.73 -23.79
C LYS D 78 7.62 2.26 -22.41
N ALA D 79 8.91 1.95 -22.20
CA ALA D 79 9.40 1.51 -20.91
C ALA D 79 9.56 2.65 -19.93
N SER D 80 9.70 3.88 -20.43
CA SER D 80 10.02 5.04 -19.60
C SER D 80 8.87 6.04 -19.68
N CYS D 81 7.73 5.67 -19.10
CA CYS D 81 6.60 6.58 -18.99
C CYS D 81 5.98 6.50 -17.61
N GLU D 82 6.51 5.65 -16.73
CA GLU D 82 6.10 5.61 -15.34
C GLU D 82 6.61 6.87 -14.68
N ARG D 83 6.46 7.00 -13.36
CA ARG D 83 6.74 8.28 -12.71
C ARG D 83 8.07 8.28 -11.96
N HIS D 84 8.29 9.36 -11.18
CA HIS D 84 9.59 9.61 -10.55
C HIS D 84 10.66 9.66 -11.63
N SER D 85 10.37 10.39 -12.71
CA SER D 85 11.27 10.45 -13.85
C SER D 85 11.50 9.08 -14.44
N GLY D 86 10.64 8.64 -15.36
CA GLY D 86 9.46 9.39 -15.72
C GLY D 86 9.49 10.18 -17.01
N GLU D 87 10.65 10.26 -17.64
CA GLU D 87 10.79 10.94 -18.92
C GLU D 87 11.49 9.99 -19.90
N LEU D 88 11.63 10.45 -21.15
CA LEU D 88 12.26 9.70 -22.22
C LEU D 88 13.56 10.37 -22.62
N MET D 89 14.57 9.57 -22.96
CA MET D 89 15.85 10.09 -23.42
C MET D 89 16.11 9.63 -24.85
N LEU D 90 16.49 10.57 -25.71
CA LEU D 90 16.85 10.22 -27.08
C LEU D 90 18.06 11.01 -27.53
N LEU D 91 19.08 10.30 -27.97
CA LEU D 91 20.28 10.89 -28.54
C LEU D 91 20.23 10.62 -30.04
N VAL D 92 20.03 11.67 -30.82
CA VAL D 92 19.73 11.47 -32.22
C VAL D 92 20.75 12.22 -33.06
N ARG D 93 20.85 11.81 -34.32
CA ARG D 93 21.75 12.44 -35.27
C ARG D 93 20.93 12.92 -36.45
N PRO D 94 20.78 14.23 -36.60
CA PRO D 94 20.08 14.92 -37.70
C PRO D 94 20.38 14.32 -39.08
N THR E 1 14.72 -13.44 23.70
CA THR E 1 15.49 -12.22 23.88
C THR E 1 14.56 -11.04 24.22
N ARG E 2 14.72 -9.92 23.50
CA ARG E 2 13.93 -8.71 23.72
C ARG E 2 12.73 -8.67 22.79
N ARG E 3 11.55 -8.50 23.38
CA ARG E 3 10.30 -8.67 22.64
C ARG E 3 10.03 -7.53 21.67
N GLU E 4 9.67 -7.89 20.45
CA GLU E 4 9.08 -6.99 19.49
C GLU E 4 7.75 -7.54 19.03
N THR E 5 6.81 -6.63 18.80
CA THR E 5 5.43 -6.98 18.51
C THR E 5 5.02 -6.32 17.20
N GLN E 6 4.14 -6.99 16.46
CA GLN E 6 3.65 -6.48 15.18
C GLN E 6 2.30 -5.80 15.34
N LEU E 7 2.10 -4.70 14.64
CA LEU E 7 0.82 -3.96 14.68
C LEU E 7 0.28 -3.72 13.27
N ARG F 3 -8.85 5.55 42.42
CA ARG F 3 -8.80 6.07 41.05
C ARG F 3 -9.94 5.54 40.19
N GLU F 4 -10.54 6.41 39.40
CA GLU F 4 -11.58 6.03 38.47
C GLU F 4 -11.40 6.82 37.17
N THR F 5 -11.94 6.30 36.06
CA THR F 5 -11.60 6.81 34.74
C THR F 5 -12.83 6.88 33.84
N GLN F 6 -12.96 7.97 33.08
CA GLN F 6 -14.15 8.25 32.28
C GLN F 6 -13.97 7.74 30.85
N LEU F 7 -15.05 7.19 30.30
CA LEU F 7 -14.95 6.65 28.96
C LEU F 7 -16.34 6.47 28.38
N ARG G 3 12.27 -21.63 -20.15
CA ARG G 3 12.78 -20.40 -19.57
C ARG G 3 11.67 -19.65 -18.86
N GLU G 4 11.99 -19.12 -17.70
CA GLU G 4 11.08 -18.28 -16.94
C GLU G 4 11.55 -16.84 -17.00
N THR G 5 10.95 -15.98 -16.18
CA THR G 5 11.42 -14.61 -16.10
C THR G 5 10.85 -14.00 -14.84
N GLN G 6 11.52 -12.98 -14.32
CA GLN G 6 11.10 -12.30 -13.12
C GLN G 6 10.67 -10.88 -13.49
N LEU G 7 9.51 -10.50 -13.01
CA LEU G 7 8.97 -9.19 -13.29
C LEU G 7 8.70 -8.45 -11.99
N ARG H 3 5.88 1.39 -42.85
CA ARG H 3 5.42 0.96 -41.52
C ARG H 3 5.85 1.92 -40.41
N GLU H 4 4.91 2.70 -39.91
CA GLU H 4 5.18 3.66 -38.86
C GLU H 4 4.34 3.38 -37.63
N THR H 5 4.72 4.03 -36.53
CA THR H 5 4.06 3.82 -35.24
C THR H 5 4.13 5.12 -34.44
N GLN H 6 2.97 5.68 -34.12
CA GLN H 6 2.94 6.87 -33.30
C GLN H 6 3.17 6.50 -31.83
N LEU H 7 3.96 7.30 -31.14
CA LEU H 7 4.26 7.08 -29.73
C LEU H 7 4.00 8.35 -28.92
#